data_5W0L
#
_entry.id   5W0L
#
_cell.length_a   49.648
_cell.length_b   34.055
_cell.length_c   80.887
_cell.angle_alpha   90.000
_cell.angle_beta   90.010
_cell.angle_gamma   90.000
#
_symmetry.space_group_name_H-M   'P 1 21 1'
#
loop_
_entity.id
_entity.type
_entity.pdbx_description
1 polymer 'CREB-binding protein'
2 non-polymer 1-{3-[7-(difluoromethyl)-6-(1-methyl-1H-pyrazol-4-yl)-3,4-dihydroquinolin-1(2H)-yl]-1-(oxan-4-yl)-1,4,6,7-tetrahydro-5H-pyrazolo[4,3-c]pyridin-5-yl}ethan-1-one
3 water water
#
_entity_poly.entity_id   1
_entity_poly.type   'polypeptide(L)'
_entity_poly.pdbx_seq_one_letter_code
;MHHHHHHGSLVPRGSMDYKDDDDKENLYFQGSKKIFKPEELRQALMPTLEALYRQDPESLPFRQPVDPQLLGIPDYFDIV
KNPMDLSTIKRKLDTGQYQEPWQYVDDVWLMFNNAWLYNRKTSRVYKFCSKLAEVFEQEIDPVMQSLG
;
_entity_poly.pdbx_strand_id   A,B
#
# COMPACT_ATOMS: atom_id res chain seq x y z
N LYS A 34 -14.23 -11.15 4.79
CA LYS A 34 -13.00 -10.82 5.51
C LYS A 34 -12.23 -9.71 4.79
N ILE A 35 -11.61 -8.84 5.57
CA ILE A 35 -10.77 -7.77 5.02
C ILE A 35 -9.31 -8.16 5.23
N PHE A 36 -8.49 -7.98 4.20
CA PHE A 36 -7.08 -8.30 4.25
C PHE A 36 -6.26 -7.02 4.33
N LYS A 37 -5.35 -6.97 5.29
CA LYS A 37 -4.45 -5.84 5.45
C LYS A 37 -3.28 -5.97 4.47
N PRO A 38 -2.78 -4.83 3.96
CA PRO A 38 -1.66 -4.88 2.99
C PRO A 38 -0.47 -5.69 3.46
N GLU A 39 -0.07 -5.56 4.74
CA GLU A 39 1.09 -6.30 5.20
C GLU A 39 0.78 -7.78 5.37
N GLU A 40 -0.47 -8.10 5.69
CA GLU A 40 -0.88 -9.49 5.72
C GLU A 40 -0.72 -10.13 4.35
N LEU A 41 -1.16 -9.42 3.30
CA LEU A 41 -1.00 -9.95 1.96
C LEU A 41 0.46 -10.04 1.56
N ARG A 42 1.26 -9.02 1.91
CA ARG A 42 2.67 -9.08 1.56
C ARG A 42 3.37 -10.26 2.26
N GLN A 43 3.11 -10.46 3.56
CA GLN A 43 3.78 -11.55 4.27
C GLN A 43 3.38 -12.92 3.71
N ALA A 44 2.10 -13.08 3.35
CA ALA A 44 1.63 -14.38 2.85
C ALA A 44 2.05 -14.62 1.42
N LEU A 45 1.91 -13.60 0.55
CA LEU A 45 2.01 -13.80 -0.89
C LEU A 45 3.40 -13.55 -1.43
N MET A 46 4.19 -12.67 -0.82
CA MET A 46 5.51 -12.41 -1.37
C MET A 46 6.39 -13.65 -1.43
N PRO A 47 6.37 -14.56 -0.44
CA PRO A 47 7.16 -15.79 -0.59
C PRO A 47 6.80 -16.62 -1.81
N THR A 48 5.53 -16.59 -2.26
CA THR A 48 5.17 -17.32 -3.47
C THR A 48 5.74 -16.65 -4.70
N LEU A 49 5.82 -15.32 -4.70
CA LEU A 49 6.45 -14.62 -5.82
C LEU A 49 7.96 -14.85 -5.84
N GLU A 50 8.59 -14.81 -4.68
CA GLU A 50 10.02 -15.11 -4.60
C GLU A 50 10.33 -16.51 -5.09
N ALA A 51 9.43 -17.47 -4.88
CA ALA A 51 9.64 -18.82 -5.38
C ALA A 51 9.69 -18.84 -6.92
N LEU A 52 8.93 -17.97 -7.56
CA LEU A 52 9.04 -17.88 -9.02
C LEU A 52 10.38 -17.26 -9.42
N TYR A 53 10.75 -16.14 -8.79
CA TYR A 53 12.06 -15.52 -9.09
C TYR A 53 13.21 -16.50 -8.92
N ARG A 54 13.13 -17.42 -7.95
CA ARG A 54 14.21 -18.36 -7.67
C ARG A 54 14.44 -19.33 -8.82
N GLN A 55 13.49 -19.44 -9.76
CA GLN A 55 13.60 -20.44 -10.81
C GLN A 55 14.53 -19.93 -11.89
N ASP A 56 15.63 -20.64 -12.11
CA ASP A 56 16.59 -20.31 -13.15
C ASP A 56 16.73 -21.57 -14.00
N PRO A 57 16.58 -21.48 -15.33
CA PRO A 57 16.44 -20.27 -16.12
C PRO A 57 15.00 -19.78 -16.30
N GLU A 58 14.02 -20.43 -15.67
CA GLU A 58 12.64 -20.29 -16.15
C GLU A 58 12.02 -18.93 -15.83
N SER A 59 12.48 -18.25 -14.79
CA SER A 59 11.92 -16.94 -14.50
C SER A 59 12.54 -15.81 -15.31
N LEU A 60 13.65 -16.06 -16.02
CA LEU A 60 14.37 -14.94 -16.64
C LEU A 60 13.52 -14.18 -17.66
N PRO A 61 12.70 -14.82 -18.48
CA PRO A 61 11.84 -14.04 -19.41
C PRO A 61 10.78 -13.19 -18.74
N PHE A 62 10.56 -13.35 -17.44
CA PHE A 62 9.38 -12.81 -16.76
C PHE A 62 9.73 -11.78 -15.71
N ARG A 63 11.02 -11.51 -15.48
CA ARG A 63 11.44 -10.62 -14.42
C ARG A 63 11.17 -9.15 -14.70
N GLN A 64 11.05 -8.73 -15.96
CA GLN A 64 10.83 -7.34 -16.31
C GLN A 64 9.75 -7.28 -17.37
N PRO A 65 9.08 -6.14 -17.53
CA PRO A 65 8.04 -6.03 -18.56
C PRO A 65 8.61 -6.32 -19.94
N VAL A 66 7.83 -7.03 -20.76
CA VAL A 66 8.27 -7.29 -22.13
C VAL A 66 8.52 -5.95 -22.83
N ASP A 67 9.68 -5.85 -23.47
CA ASP A 67 10.07 -4.68 -24.26
C ASP A 67 10.11 -5.10 -25.73
N PRO A 68 9.01 -4.91 -26.48
CA PRO A 68 8.98 -5.47 -27.86
C PRO A 68 10.05 -4.90 -28.77
N GLN A 69 10.37 -3.61 -28.64
CA GLN A 69 11.34 -3.03 -29.56
C GLN A 69 12.74 -3.58 -29.27
N LEU A 70 13.11 -3.66 -27.99
CA LEU A 70 14.41 -4.22 -27.62
C LEU A 70 14.54 -5.66 -28.09
N LEU A 71 13.48 -6.45 -27.94
CA LEU A 71 13.50 -7.86 -28.28
C LEU A 71 13.29 -8.11 -29.76
N GLY A 72 12.92 -7.10 -30.53
CA GLY A 72 12.68 -7.31 -31.94
C GLY A 72 11.40 -8.03 -32.24
N ILE A 73 10.39 -7.91 -31.38
CA ILE A 73 9.10 -8.54 -31.62
C ILE A 73 7.99 -7.47 -31.67
N PRO A 74 7.95 -6.65 -32.71
CA PRO A 74 7.02 -5.50 -32.71
C PRO A 74 5.55 -5.87 -32.70
N ASP A 75 5.18 -7.11 -33.01
CA ASP A 75 3.77 -7.48 -32.96
C ASP A 75 3.26 -7.78 -31.56
N TYR A 76 4.11 -7.71 -30.53
CA TYR A 76 3.74 -8.22 -29.22
C TYR A 76 2.49 -7.55 -28.67
N PHE A 77 2.46 -6.21 -28.66
CA PHE A 77 1.29 -5.52 -28.12
C PHE A 77 0.08 -5.63 -29.03
N ASP A 78 0.23 -6.06 -30.28
CA ASP A 78 -0.94 -6.35 -31.09
C ASP A 78 -1.66 -7.61 -30.62
N ILE A 79 -0.94 -8.48 -29.91
CA ILE A 79 -1.47 -9.77 -29.47
C ILE A 79 -1.80 -9.75 -27.99
N VAL A 80 -0.93 -9.14 -27.20
CA VAL A 80 -1.06 -9.11 -25.75
C VAL A 80 -1.57 -7.73 -25.34
N LYS A 81 -2.84 -7.66 -24.92
CA LYS A 81 -3.44 -6.37 -24.61
C LYS A 81 -3.22 -5.91 -23.19
N ASN A 82 -2.93 -6.82 -22.27
CA ASN A 82 -2.77 -6.49 -20.85
C ASN A 82 -1.48 -7.13 -20.35
N PRO A 83 -0.34 -6.51 -20.61
CA PRO A 83 0.93 -7.09 -20.17
C PRO A 83 1.00 -7.20 -18.66
N MET A 84 1.80 -8.18 -18.21
CA MET A 84 2.05 -8.40 -16.80
C MET A 84 3.37 -9.15 -16.66
N ASP A 85 4.11 -8.84 -15.59
CA ASP A 85 5.39 -9.48 -15.34
C ASP A 85 5.63 -9.51 -13.84
N LEU A 86 6.72 -10.19 -13.44
CA LEU A 86 6.99 -10.36 -12.01
C LEU A 86 7.26 -9.04 -11.32
N SER A 87 8.00 -8.14 -11.97
CA SER A 87 8.33 -6.86 -11.34
C SER A 87 7.09 -6.03 -11.06
N THR A 88 6.10 -6.10 -11.96
CA THR A 88 4.88 -5.32 -11.76
C THR A 88 4.06 -5.90 -10.63
N ILE A 89 3.96 -7.23 -10.58
CA ILE A 89 3.28 -7.89 -9.46
C ILE A 89 3.96 -7.54 -8.14
N LYS A 90 5.29 -7.56 -8.11
CA LYS A 90 6.02 -7.26 -6.87
C LYS A 90 5.70 -5.84 -6.40
N ARG A 91 5.69 -4.90 -7.34
CA ARG A 91 5.40 -3.51 -6.99
C ARG A 91 3.97 -3.35 -6.49
N LYS A 92 3.02 -4.05 -7.11
CA LYS A 92 1.63 -3.98 -6.67
C LYS A 92 1.48 -4.52 -5.26
N LEU A 93 2.19 -5.60 -4.94
CA LEU A 93 2.17 -6.11 -3.56
C LEU A 93 2.80 -5.12 -2.60
N ASP A 94 3.91 -4.52 -3.00
CA ASP A 94 4.63 -3.59 -2.13
C ASP A 94 3.86 -2.30 -1.91
N THR A 95 2.97 -1.92 -2.83
CA THR A 95 2.24 -0.67 -2.71
C THR A 95 0.76 -0.89 -2.42
N GLY A 96 0.39 -2.07 -1.93
CA GLY A 96 -0.95 -2.31 -1.42
C GLY A 96 -2.04 -2.23 -2.46
N GLN A 97 -1.73 -2.60 -3.71
CA GLN A 97 -2.71 -2.51 -4.78
C GLN A 97 -3.65 -3.71 -4.85
N TYR A 98 -3.38 -4.78 -4.09
CA TYR A 98 -4.28 -5.93 -4.02
C TYR A 98 -5.09 -5.82 -2.73
N GLN A 99 -6.40 -5.86 -2.87
CA GLN A 99 -7.26 -5.88 -1.68
C GLN A 99 -7.51 -7.29 -1.21
N GLU A 100 -7.33 -8.28 -2.07
CA GLU A 100 -7.73 -9.65 -1.79
C GLU A 100 -6.79 -10.58 -2.52
N PRO A 101 -6.50 -11.77 -1.97
CA PRO A 101 -5.46 -12.62 -2.58
C PRO A 101 -5.80 -13.06 -3.99
N TRP A 102 -7.08 -13.18 -4.36
CA TRP A 102 -7.37 -13.66 -5.71
C TRP A 102 -6.96 -12.64 -6.76
N GLN A 103 -6.89 -11.35 -6.41
CA GLN A 103 -6.40 -10.37 -7.39
C GLN A 103 -4.94 -10.60 -7.72
N TYR A 104 -4.14 -10.99 -6.72
CA TYR A 104 -2.76 -11.35 -6.96
C TYR A 104 -2.67 -12.61 -7.81
N VAL A 105 -3.48 -13.62 -7.49
CA VAL A 105 -3.45 -14.85 -8.27
C VAL A 105 -3.83 -14.54 -9.71
N ASP A 106 -4.84 -13.67 -9.90
CA ASP A 106 -5.26 -13.31 -11.26
C ASP A 106 -4.13 -12.67 -12.06
N ASP A 107 -3.31 -11.82 -11.42
CA ASP A 107 -2.22 -11.20 -12.17
C ASP A 107 -1.14 -12.21 -12.52
N VAL A 108 -0.79 -13.12 -11.59
CA VAL A 108 0.19 -14.15 -11.91
C VAL A 108 -0.31 -14.98 -13.10
N TRP A 109 -1.58 -15.34 -13.08
CA TRP A 109 -2.13 -16.12 -14.19
C TRP A 109 -2.27 -15.30 -15.48
N LEU A 110 -2.46 -13.98 -15.39
CA LEU A 110 -2.44 -13.14 -16.57
C LEU A 110 -1.06 -13.19 -17.22
N MET A 111 -0.01 -13.14 -16.40
CA MET A 111 1.36 -13.26 -16.92
C MET A 111 1.55 -14.59 -17.65
N PHE A 112 1.08 -15.69 -17.06
CA PHE A 112 1.18 -17.00 -17.69
C PHE A 112 0.39 -17.03 -18.99
N ASN A 113 -0.87 -16.62 -18.93
CA ASN A 113 -1.73 -16.70 -20.10
C ASN A 113 -1.16 -15.87 -21.26
N ASN A 114 -0.60 -14.69 -20.94
CA ASN A 114 0.01 -13.90 -22.01
C ASN A 114 1.12 -14.69 -22.68
N ALA A 115 1.95 -15.37 -21.90
CA ALA A 115 3.08 -16.07 -22.49
C ALA A 115 2.64 -17.29 -23.29
N TRP A 116 1.61 -17.98 -22.84
CA TRP A 116 1.10 -19.11 -23.62
C TRP A 116 0.37 -18.64 -24.89
N LEU A 117 -0.21 -17.44 -24.85
CA LEU A 117 -0.88 -16.87 -26.02
C LEU A 117 0.14 -16.47 -27.07
N TYR A 118 1.20 -15.76 -26.64
CA TYR A 118 2.09 -15.12 -27.60
C TYR A 118 3.13 -16.08 -28.18
N ASN A 119 3.71 -16.92 -27.33
CA ASN A 119 4.87 -17.70 -27.73
C ASN A 119 4.48 -19.05 -28.32
N ARG A 120 5.31 -19.54 -29.24
CA ARG A 120 5.14 -20.88 -29.82
C ARG A 120 5.30 -21.98 -28.77
N LYS A 121 4.61 -23.10 -28.99
CA LYS A 121 4.63 -24.21 -28.04
C LYS A 121 6.03 -24.81 -27.86
N THR A 122 6.90 -24.63 -28.85
CA THR A 122 8.24 -25.18 -28.78
C THR A 122 9.24 -24.21 -28.17
N SER A 123 8.84 -22.97 -27.90
CA SER A 123 9.76 -21.92 -27.52
C SER A 123 10.17 -22.06 -26.06
N ARG A 124 11.35 -21.50 -25.74
CA ARG A 124 11.80 -21.45 -24.34
C ARG A 124 10.78 -20.75 -23.45
N VAL A 125 10.24 -19.61 -23.91
CA VAL A 125 9.40 -18.82 -23.02
C VAL A 125 8.14 -19.60 -22.68
N TYR A 126 7.60 -20.34 -23.64
CA TYR A 126 6.40 -21.15 -23.41
C TYR A 126 6.66 -22.28 -22.42
N LYS A 127 7.75 -23.04 -22.64
CA LYS A 127 8.05 -24.13 -21.72
C LYS A 127 8.49 -23.62 -20.36
N PHE A 128 9.16 -22.46 -20.32
CA PHE A 128 9.51 -21.88 -19.02
C PHE A 128 8.26 -21.42 -18.28
N CYS A 129 7.30 -20.86 -19.01
CA CYS A 129 6.02 -20.48 -18.41
C CYS A 129 5.32 -21.68 -17.80
N SER A 130 5.35 -22.80 -18.49
CA SER A 130 4.68 -23.98 -17.95
C SER A 130 5.34 -24.43 -16.64
N LYS A 131 6.66 -24.32 -16.56
CA LYS A 131 7.36 -24.65 -15.32
C LYS A 131 6.96 -23.70 -14.20
N LEU A 132 6.95 -22.38 -14.48
CA LEU A 132 6.54 -21.43 -13.44
C LEU A 132 5.12 -21.70 -12.97
N ALA A 133 4.23 -22.07 -13.89
CA ALA A 133 2.86 -22.39 -13.46
C ALA A 133 2.82 -23.60 -12.53
N GLU A 134 3.69 -24.59 -12.75
CA GLU A 134 3.76 -25.73 -11.84
C GLU A 134 4.26 -25.30 -10.48
N VAL A 135 5.31 -24.47 -10.44
CA VAL A 135 5.85 -24.01 -9.16
C VAL A 135 4.82 -23.16 -8.42
N PHE A 136 4.16 -22.25 -9.15
CA PHE A 136 3.18 -21.37 -8.52
C PHE A 136 2.02 -22.14 -7.93
N GLU A 137 1.51 -23.12 -8.68
CA GLU A 137 0.40 -23.92 -8.18
C GLU A 137 0.74 -24.58 -6.86
N GLN A 138 1.96 -25.11 -6.77
CA GLN A 138 2.40 -25.78 -5.54
C GLN A 138 2.51 -24.81 -4.37
N GLU A 139 3.05 -23.63 -4.62
CA GLU A 139 3.30 -22.65 -3.55
C GLU A 139 2.02 -21.97 -3.09
N ILE A 140 1.10 -21.68 -4.03
CA ILE A 140 -0.03 -20.83 -3.67
C ILE A 140 -1.10 -21.59 -2.88
N ASP A 141 -1.22 -22.91 -3.09
CA ASP A 141 -2.31 -23.67 -2.50
C ASP A 141 -2.25 -23.64 -0.96
N PRO A 142 -1.14 -23.98 -0.29
CA PRO A 142 -1.16 -23.94 1.17
C PRO A 142 -1.32 -22.52 1.70
N VAL A 143 -0.80 -21.53 0.95
CA VAL A 143 -0.93 -20.14 1.36
C VAL A 143 -2.40 -19.72 1.33
N MET A 144 -3.12 -20.10 0.27
CA MET A 144 -4.54 -19.77 0.21
C MET A 144 -5.32 -20.45 1.32
N GLN A 145 -4.96 -21.71 1.65
CA GLN A 145 -5.61 -22.37 2.78
C GLN A 145 -5.38 -21.59 4.08
N SER A 146 -4.20 -21.01 4.25
CA SER A 146 -3.89 -20.25 5.45
C SER A 146 -4.58 -18.90 5.48
N LEU A 147 -4.78 -18.32 4.28
CA LEU A 147 -5.71 -17.26 3.86
C LEU A 147 -5.06 -16.07 3.15
N LYS B 34 13.89 13.99 -4.77
CA LYS B 34 12.71 14.13 -5.62
C LYS B 34 11.84 15.30 -5.17
N ILE B 35 11.30 16.03 -6.15
CA ILE B 35 10.36 17.10 -5.87
C ILE B 35 8.95 16.56 -6.00
N PHE B 36 8.12 16.80 -4.99
CA PHE B 36 6.73 16.34 -5.00
C PHE B 36 5.81 17.50 -5.33
N LYS B 37 4.93 17.27 -6.30
CA LYS B 37 3.94 18.29 -6.64
C LYS B 37 2.79 18.25 -5.64
N PRO B 38 2.19 19.43 -5.33
CA PRO B 38 1.11 19.46 -4.33
C PRO B 38 -0.02 18.49 -4.62
N GLU B 39 -0.45 18.37 -5.88
CA GLU B 39 -1.55 17.47 -6.20
C GLU B 39 -1.11 16.01 -6.15
N GLU B 40 0.18 15.74 -6.38
CA GLU B 40 0.70 14.40 -6.17
C GLU B 40 0.57 14.01 -4.71
N LEU B 41 0.94 14.93 -3.82
CA LEU B 41 0.83 14.66 -2.40
C LEU B 41 -0.62 14.52 -1.99
N ARG B 42 -1.51 15.36 -2.54
CA ARG B 42 -2.91 15.27 -2.15
C ARG B 42 -3.52 13.94 -2.59
N GLN B 43 -3.26 13.54 -3.84
CA GLN B 43 -3.80 12.28 -4.35
C GLN B 43 -3.29 11.08 -3.55
N ALA B 44 -2.01 11.11 -3.15
CA ALA B 44 -1.39 10.00 -2.46
C ALA B 44 -1.81 9.95 -0.99
N LEU B 45 -1.80 11.11 -0.34
CA LEU B 45 -1.90 11.14 1.12
C LEU B 45 -3.31 11.39 1.62
N MET B 46 -4.16 12.10 0.86
CA MET B 46 -5.51 12.36 1.38
C MET B 46 -6.27 11.06 1.66
N PRO B 47 -6.14 9.98 0.88
CA PRO B 47 -6.85 8.76 1.26
C PRO B 47 -6.46 8.24 2.63
N THR B 48 -5.20 8.43 3.02
CA THR B 48 -4.80 7.95 4.35
C THR B 48 -5.42 8.79 5.45
N LEU B 49 -5.62 10.09 5.20
CA LEU B 49 -6.28 10.93 6.17
C LEU B 49 -7.77 10.60 6.24
N GLU B 50 -8.41 10.37 5.09
CA GLU B 50 -9.81 9.94 5.07
C GLU B 50 -10.01 8.63 5.83
N ALA B 51 -9.01 7.72 5.80
CA ALA B 51 -9.11 6.47 6.55
C ALA B 51 -9.18 6.73 8.04
N LEU B 52 -8.53 7.80 8.51
CA LEU B 52 -8.66 8.13 9.93
C LEU B 52 -10.03 8.73 10.23
N TYR B 53 -10.51 9.66 9.38
CA TYR B 53 -11.85 10.22 9.55
C TYR B 53 -12.92 9.14 9.58
N ARG B 54 -12.70 8.04 8.86
CA ARG B 54 -13.69 6.99 8.74
C ARG B 54 -13.90 6.26 10.06
N GLN B 55 -12.93 6.33 10.98
CA GLN B 55 -12.98 5.57 12.22
C GLN B 55 -13.97 6.23 13.19
N ASP B 56 -15.01 5.50 13.55
CA ASP B 56 -15.99 5.94 14.51
C ASP B 56 -16.06 4.85 15.57
N PRO B 57 -15.91 5.17 16.85
CA PRO B 57 -15.87 6.52 17.44
C PRO B 57 -14.50 7.16 17.51
N GLU B 58 -13.48 6.45 17.02
CA GLU B 58 -12.12 6.81 17.43
C GLU B 58 -11.64 8.15 16.83
N SER B 59 -12.12 8.57 15.65
CA SER B 59 -11.63 9.83 15.12
C SER B 59 -12.31 11.04 15.76
N LEU B 60 -13.42 10.86 16.50
CA LEU B 60 -14.21 12.02 16.88
C LEU B 60 -13.46 13.04 17.73
N PRO B 61 -12.59 12.66 18.68
CA PRO B 61 -11.85 13.68 19.45
C PRO B 61 -10.81 14.44 18.63
N PHE B 62 -10.55 14.02 17.39
CA PHE B 62 -9.44 14.53 16.59
C PHE B 62 -9.87 15.32 15.37
N ARG B 63 -11.18 15.45 15.14
CA ARG B 63 -11.67 16.05 13.90
C ARG B 63 -11.51 17.56 13.86
N GLN B 64 -11.39 18.23 15.00
CA GLN B 64 -11.30 19.68 15.10
C GLN B 64 -10.24 20.03 16.14
N PRO B 65 -9.70 21.25 16.10
CA PRO B 65 -8.70 21.64 17.10
C PRO B 65 -9.27 21.50 18.51
N VAL B 66 -8.42 21.06 19.43
CA VAL B 66 -8.83 21.02 20.84
C VAL B 66 -9.22 22.43 21.28
N ASP B 67 -10.39 22.55 21.91
CA ASP B 67 -10.86 23.84 22.44
C ASP B 67 -10.90 23.70 23.95
N PRO B 68 -9.84 24.08 24.66
CA PRO B 68 -9.76 23.77 26.10
C PRO B 68 -10.85 24.45 26.92
N GLN B 69 -11.26 25.67 26.57
CA GLN B 69 -12.29 26.33 27.37
C GLN B 69 -13.64 25.65 27.20
N LEU B 70 -14.01 25.30 25.97
CA LEU B 70 -15.25 24.57 25.72
C LEU B 70 -15.25 23.22 26.42
N LEU B 71 -14.12 22.51 26.39
CA LEU B 71 -13.99 21.18 26.97
C LEU B 71 -13.79 21.19 28.48
N GLY B 72 -13.56 22.35 29.07
CA GLY B 72 -13.33 22.40 30.51
C GLY B 72 -11.97 21.91 30.94
N ILE B 73 -10.96 22.00 30.09
CA ILE B 73 -9.62 21.55 30.44
C ILE B 73 -8.61 22.68 30.26
N PRO B 74 -8.66 23.71 31.10
CA PRO B 74 -7.81 24.90 30.84
C PRO B 74 -6.31 24.64 30.93
N ASP B 75 -5.85 23.49 31.41
CA ASP B 75 -4.42 23.23 31.46
C ASP B 75 -3.86 22.71 30.14
N TYR B 76 -4.70 22.56 29.11
CA TYR B 76 -4.29 21.84 27.90
C TYR B 76 -3.09 22.51 27.24
N PHE B 77 -3.14 23.83 27.04
CA PHE B 77 -2.05 24.52 26.35
C PHE B 77 -0.82 24.69 27.22
N ASP B 78 -0.93 24.43 28.53
CA ASP B 78 0.27 24.37 29.37
C ASP B 78 1.06 23.11 29.12
N ILE B 79 0.39 22.04 28.67
CA ILE B 79 1.01 20.74 28.45
C ILE B 79 1.35 20.52 26.98
N VAL B 80 0.44 20.90 26.09
CA VAL B 80 0.56 20.68 24.64
C VAL B 80 0.96 22.00 24.00
N LYS B 81 2.21 22.07 23.55
CA LYS B 81 2.76 23.31 23.02
C LYS B 81 2.46 23.51 21.55
N ASN B 82 2.28 22.43 20.80
CA ASN B 82 2.10 22.49 19.35
C ASN B 82 0.88 21.66 18.99
N PRO B 83 -0.31 22.25 19.13
CA PRO B 83 -1.53 21.49 18.84
C PRO B 83 -1.61 21.07 17.38
N MET B 84 -2.25 19.93 17.16
CA MET B 84 -2.47 19.43 15.81
C MET B 84 -3.75 18.59 15.80
N ASP B 85 -4.50 18.66 14.69
CA ASP B 85 -5.70 17.86 14.55
C ASP B 85 -5.94 17.54 13.08
N LEU B 86 -6.94 16.68 12.82
CA LEU B 86 -7.20 16.25 11.44
C LEU B 86 -7.60 17.41 10.54
N SER B 87 -8.41 18.36 11.03
CA SER B 87 -8.83 19.44 10.13
C SER B 87 -7.66 20.32 9.73
N THR B 88 -6.69 20.51 10.62
CA THR B 88 -5.53 21.31 10.28
C THR B 88 -4.66 20.59 9.27
N ILE B 89 -4.49 19.28 9.43
CA ILE B 89 -3.71 18.50 8.47
C ILE B 89 -4.39 18.52 7.10
N LYS B 90 -5.71 18.34 7.08
CA LYS B 90 -6.46 18.41 5.81
C LYS B 90 -6.24 19.74 5.10
N ARG B 91 -6.38 20.85 5.84
CA ARG B 91 -6.15 22.18 5.26
C ARG B 91 -4.74 22.33 4.72
N LYS B 92 -3.74 21.81 5.44
CA LYS B 92 -2.36 21.93 4.98
C LYS B 92 -2.14 21.15 3.69
N LEU B 93 -2.77 19.97 3.57
CA LEU B 93 -2.72 19.21 2.33
C LEU B 93 -3.43 19.95 1.20
N ASP B 94 -4.60 20.54 1.49
CA ASP B 94 -5.36 21.22 0.45
C ASP B 94 -4.68 22.50 -0.04
N THR B 95 -3.86 23.12 0.81
CA THR B 95 -3.21 24.37 0.50
C THR B 95 -1.72 24.21 0.22
N GLY B 96 -1.27 22.99 -0.04
CA GLY B 96 0.09 22.78 -0.50
C GLY B 96 1.17 23.14 0.51
N GLN B 97 0.89 22.99 1.80
CA GLN B 97 1.85 23.36 2.82
C GLN B 97 2.91 22.29 3.08
N TYR B 98 2.72 21.08 2.56
CA TYR B 98 3.71 20.02 2.69
C TYR B 98 4.52 19.95 1.40
N GLN B 99 5.85 19.98 1.52
CA GLN B 99 6.70 19.80 0.36
C GLN B 99 7.10 18.35 0.17
N GLU B 100 7.14 17.56 1.25
CA GLU B 100 7.53 16.16 1.21
C GLU B 100 6.57 15.36 2.08
N PRO B 101 6.40 14.07 1.78
CA PRO B 101 5.41 13.29 2.54
C PRO B 101 5.76 13.13 4.01
N TRP B 102 7.06 13.16 4.37
CA TRP B 102 7.39 12.98 5.78
C TRP B 102 6.92 14.13 6.64
N GLN B 103 6.73 15.32 6.07
CA GLN B 103 6.17 16.44 6.80
C GLN B 103 4.72 16.17 7.19
N TYR B 104 3.96 15.55 6.28
CA TYR B 104 2.60 15.11 6.58
C TYR B 104 2.61 14.05 7.68
N VAL B 105 3.47 13.02 7.53
CA VAL B 105 3.56 11.99 8.56
C VAL B 105 3.91 12.59 9.91
N ASP B 106 4.82 13.58 9.91
CA ASP B 106 5.22 14.22 11.17
C ASP B 106 4.04 14.91 11.84
N ASP B 107 3.16 15.56 11.07
CA ASP B 107 2.00 16.21 11.68
C ASP B 107 0.99 15.19 12.21
N VAL B 108 0.79 14.07 11.50
CA VAL B 108 -0.12 13.05 12.03
C VAL B 108 0.42 12.50 13.34
N TRP B 109 1.73 12.23 13.40
CA TRP B 109 2.30 11.74 14.65
C TRP B 109 2.35 12.81 15.74
N LEU B 110 2.48 14.08 15.38
CA LEU B 110 2.36 15.16 16.36
C LEU B 110 0.98 15.11 17.02
N MET B 111 -0.07 14.93 16.22
CA MET B 111 -1.42 14.77 16.75
C MET B 111 -1.50 13.60 17.74
N PHE B 112 -0.96 12.43 17.34
CA PHE B 112 -0.95 11.28 18.23
C PHE B 112 -0.17 11.56 19.50
N ASN B 113 1.04 12.10 19.35
CA ASN B 113 1.90 12.25 20.52
C ASN B 113 1.29 13.25 21.51
N ASN B 114 0.63 14.28 21.02
CA ASN B 114 -0.08 15.21 21.89
C ASN B 114 -1.13 14.48 22.73
N ALA B 115 -1.89 13.59 22.08
CA ALA B 115 -2.97 12.91 22.80
C ALA B 115 -2.43 11.93 23.83
N TRP B 116 -1.34 11.22 23.50
CA TRP B 116 -0.73 10.31 24.47
C TRP B 116 -0.05 11.07 25.60
N LEU B 117 0.39 12.30 25.33
CA LEU B 117 1.03 13.10 26.37
C LEU B 117 0.00 13.67 27.34
N TYR B 118 -1.12 14.18 26.81
CA TYR B 118 -2.09 14.92 27.61
C TYR B 118 -3.05 14.01 28.35
N ASN B 119 -3.52 12.95 27.69
CA ASN B 119 -4.61 12.16 28.24
C ASN B 119 -4.11 10.97 29.05
N ARG B 120 -4.90 10.57 30.04
CA ARG B 120 -4.58 9.41 30.85
C ARG B 120 -4.72 8.11 30.05
N LYS B 121 -3.93 7.10 30.44
CA LYS B 121 -3.89 5.82 29.74
C LYS B 121 -5.23 5.10 29.74
N THR B 122 -6.09 5.38 30.71
CA THR B 122 -7.38 4.75 30.75
C THR B 122 -8.46 5.47 29.97
N SER B 123 -8.14 6.65 29.41
CA SER B 123 -9.19 7.51 28.88
C SER B 123 -9.57 7.13 27.44
N ARG B 124 -10.78 7.53 27.05
CA ARG B 124 -11.23 7.30 25.68
C ARG B 124 -10.26 7.90 24.69
N VAL B 125 -9.85 9.15 24.91
CA VAL B 125 -9.05 9.82 23.87
C VAL B 125 -7.74 9.08 23.67
N TYR B 126 -7.14 8.58 24.76
CA TYR B 126 -5.89 7.85 24.65
C TYR B 126 -6.04 6.54 23.90
N LYS B 127 -7.07 5.77 24.26
CA LYS B 127 -7.27 4.48 23.58
C LYS B 127 -7.71 4.71 22.13
N PHE B 128 -8.47 5.76 21.89
CA PHE B 128 -8.86 6.06 20.51
C PHE B 128 -7.65 6.47 19.70
N CYS B 129 -6.74 7.24 20.31
CA CYS B 129 -5.49 7.60 19.64
C CYS B 129 -4.71 6.35 19.23
N SER B 130 -4.57 5.40 20.14
CA SER B 130 -3.86 4.16 19.84
C SER B 130 -4.47 3.44 18.65
N LYS B 131 -5.81 3.46 18.54
CA LYS B 131 -6.47 2.83 17.40
C LYS B 131 -6.16 3.58 16.10
N LEU B 132 -6.22 4.91 16.14
CA LEU B 132 -5.88 5.68 14.93
C LEU B 132 -4.46 5.43 14.50
N ALA B 133 -3.53 5.28 15.46
CA ALA B 133 -2.15 5.05 15.07
C ALA B 133 -1.98 3.71 14.39
N GLU B 134 -2.77 2.71 14.80
CA GLU B 134 -2.75 1.41 14.14
C GLU B 134 -3.27 1.54 12.71
N VAL B 135 -4.40 2.21 12.55
CA VAL B 135 -4.96 2.41 11.21
C VAL B 135 -3.96 3.17 10.34
N PHE B 136 -3.42 4.27 10.86
CA PHE B 136 -2.52 5.08 10.06
C PHE B 136 -1.30 4.31 9.62
N GLU B 137 -0.68 3.56 10.52
CA GLU B 137 0.49 2.77 10.15
C GLU B 137 0.18 1.83 9.01
N GLN B 138 -1.00 1.21 9.02
CA GLN B 138 -1.38 0.28 7.96
C GLN B 138 -1.51 0.99 6.62
N GLU B 139 -2.14 2.16 6.63
CA GLU B 139 -2.47 2.88 5.39
C GLU B 139 -1.27 3.57 4.82
N ILE B 140 -0.36 4.08 5.67
CA ILE B 140 0.67 4.99 5.18
C ILE B 140 1.81 4.21 4.55
N ASP B 141 2.08 2.97 5.01
CA ASP B 141 3.24 2.25 4.48
C ASP B 141 3.15 1.99 2.98
N PRO B 142 2.09 1.40 2.43
CA PRO B 142 2.07 1.19 0.97
C PRO B 142 2.11 2.48 0.22
N VAL B 143 1.55 3.55 0.79
CA VAL B 143 1.58 4.83 0.11
C VAL B 143 3.00 5.37 0.04
N MET B 144 3.76 5.22 1.11
CA MET B 144 5.14 5.69 1.10
C MET B 144 5.99 4.87 0.16
N GLN B 145 5.74 3.55 0.06
CA GLN B 145 6.43 2.74 -0.93
C GLN B 145 6.14 3.24 -2.35
N SER B 146 4.89 3.64 -2.61
CA SER B 146 4.50 4.12 -3.93
C SER B 146 5.11 5.48 -4.25
N LEU B 147 5.36 6.26 -3.21
CA LEU B 147 5.79 7.68 -3.18
C LEU B 147 4.61 8.62 -3.25
#